data_2ZPE
#
_entry.id   2ZPE
#
_cell.length_a   113.976
_cell.length_b   60.002
_cell.length_c   81.707
_cell.angle_alpha   90.00
_cell.angle_beta   125.08
_cell.angle_gamma   90.00
#
_symmetry.space_group_name_H-M   'C 1 2 1'
#
loop_
_entity.id
_entity.type
_entity.pdbx_description
1 polymer 'Nitrile hydratase subunit alpha'
2 polymer 'Nitrile hydratase subunit beta'
3 non-polymer 'FE (III) ION'
4 non-polymer 'NITRIC OXIDE'
5 non-polymer 'MAGNESIUM ION'
6 non-polymer 'tert-butyl isocyanide'
7 water water
#
loop_
_entity_poly.entity_id
_entity_poly.type
_entity_poly.pdbx_seq_one_letter_code
_entity_poly.pdbx_strand_id
1 'polypeptide(L)'
;SVTIDHTTENAAPAQAPVSDRAWALFRALDGKGLVPDGYVEGWKKTFEEDFSPRRGAELVARAWTDPEFRQLLLTDGTAA
VAQYGYLGPQGEYIVAVEDTPTLKNVIVCSL(CSD)S(CSO)TAWPILGLPPTWYKSFEYRARVVREPRKVLSEMGTEIA
SDIEIRVYDTTAETRYMVLPQRPAGTEGWSQEQLQEIVTKDCLIGVAIPQVPTV
;
A
2 'polypeptide(L)'
;MDGVHDLAGVQGFGKVPHTVNADIGPTFHAEWEHLPYSLMFAGVAELGAFSVDEVRYVVERMEPRHYMMTPYYERYVIGV
ATLMVEKGILTQDELESLAGGPFPLSRPSESEGRPAPVETTTFEVGQRVRVRDEYVPGHIRMPAYCRGRVGTISHRTTEK
WPFPDAIGHGRNDAGEEPTYHVKFAAEELFGSDTDGGSVVVDLFEGYLEPAA
;
B
#
loop_
_chem_comp.id
_chem_comp.type
_chem_comp.name
_chem_comp.formula
FE non-polymer 'FE (III) ION' 'Fe 3'
MG non-polymer 'MAGNESIUM ION' 'Mg 2'
NO non-polymer 'NITRIC OXIDE' 'N O'
TB0 non-polymer 'tert-butyl isocyanide' 'C5 H9 N'
#
# COMPACT_ATOMS: atom_id res chain seq x y z
N GLU A 9 -23.64 -1.18 23.60
CA GLU A 9 -22.25 -1.70 23.71
C GLU A 9 -21.71 -2.06 22.34
N ASN A 10 -20.50 -1.58 22.04
CA ASN A 10 -19.84 -1.81 20.75
C ASN A 10 -20.58 -1.22 19.53
N ALA A 11 -21.53 -0.32 19.78
CA ALA A 11 -22.32 0.29 18.71
C ALA A 11 -21.53 1.30 17.88
N ALA A 12 -21.95 1.45 16.63
CA ALA A 12 -21.39 2.46 15.73
C ALA A 12 -21.69 3.86 16.23
N PRO A 13 -20.75 4.80 16.03
CA PRO A 13 -21.05 6.20 16.37
C PRO A 13 -22.08 6.75 15.38
N ALA A 14 -22.91 7.68 15.86
CA ALA A 14 -23.81 8.40 14.97
C ALA A 14 -22.97 9.17 13.94
N GLN A 15 -23.37 9.06 12.66
CA GLN A 15 -22.66 9.76 11.60
C GLN A 15 -23.61 10.24 10.52
N ALA A 16 -23.38 11.46 10.05
CA ALA A 16 -24.05 11.93 8.85
C ALA A 16 -23.70 11.04 7.65
N PRO A 17 -24.53 11.04 6.59
CA PRO A 17 -24.18 10.24 5.43
C PRO A 17 -22.78 10.57 4.93
N VAL A 18 -22.04 9.55 4.50
CA VAL A 18 -20.65 9.74 4.09
C VAL A 18 -20.47 10.78 2.98
N SER A 19 -21.38 10.80 2.01
N SER A 19 -21.38 10.80 2.00
CA SER A 19 -21.33 11.80 0.94
CA SER A 19 -21.30 11.80 0.93
C SER A 19 -21.38 13.20 1.54
C SER A 19 -21.40 13.23 1.50
N ASP A 20 -22.27 13.40 2.49
CA ASP A 20 -22.41 14.72 3.15
C ASP A 20 -21.14 15.11 3.89
N ARG A 21 -20.50 14.14 4.55
CA ARG A 21 -19.23 14.41 5.23
C ARG A 21 -18.09 14.71 4.26
N ALA A 22 -17.98 13.91 3.19
CA ALA A 22 -16.93 14.13 2.21
C ALA A 22 -17.05 15.50 1.54
N TRP A 23 -18.27 15.85 1.13
CA TRP A 23 -18.47 17.15 0.49
C TRP A 23 -18.33 18.30 1.48
N ALA A 24 -18.66 18.07 2.75
CA ALA A 24 -18.44 19.06 3.81
C ALA A 24 -16.95 19.38 3.93
N LEU A 25 -16.11 18.34 3.93
CA LEU A 25 -14.68 18.54 3.99
C LEU A 25 -14.20 19.36 2.79
N PHE A 26 -14.67 18.99 1.59
CA PHE A 26 -14.34 19.77 0.39
C PHE A 26 -14.74 21.23 0.55
N ARG A 27 -16.00 21.45 0.91
CA ARG A 27 -16.55 22.82 0.99
C ARG A 27 -15.85 23.66 2.06
N ALA A 28 -15.53 23.05 3.19
CA ALA A 28 -14.85 23.76 4.27
C ALA A 28 -13.49 24.27 3.80
N LEU A 29 -12.76 23.44 3.06
CA LEU A 29 -11.43 23.82 2.57
C LEU A 29 -11.53 24.77 1.37
N ASP A 30 -12.40 24.45 0.43
CA ASP A 30 -12.59 25.27 -0.75
C ASP A 30 -13.07 26.69 -0.39
N GLY A 31 -13.96 26.78 0.59
CA GLY A 31 -14.51 28.07 1.03
C GLY A 31 -13.48 28.98 1.69
N LYS A 32 -12.32 28.42 2.01
CA LYS A 32 -11.21 29.15 2.62
C LYS A 32 -10.08 29.42 1.63
N GLY A 33 -10.32 29.10 0.36
CA GLY A 33 -9.35 29.36 -0.71
C GLY A 33 -8.17 28.40 -0.74
N LEU A 34 -8.32 27.27 -0.05
CA LEU A 34 -7.21 26.33 0.13
C LEU A 34 -7.13 25.28 -0.96
N VAL A 35 -8.16 25.22 -1.81
CA VAL A 35 -8.19 24.25 -2.91
C VAL A 35 -8.18 25.00 -4.24
N PRO A 36 -7.07 24.93 -5.00
CA PRO A 36 -7.01 25.62 -6.30
C PRO A 36 -8.16 25.26 -7.23
N ASP A 37 -8.49 26.17 -8.15
CA ASP A 37 -9.54 25.90 -9.12
C ASP A 37 -9.24 24.64 -9.90
N GLY A 38 -10.24 23.76 -9.99
CA GLY A 38 -10.14 22.53 -10.78
C GLY A 38 -9.23 21.47 -10.18
N TYR A 39 -8.83 21.65 -8.92
CA TYR A 39 -7.84 20.77 -8.29
C TYR A 39 -8.32 19.33 -8.12
N VAL A 40 -9.45 19.14 -7.41
CA VAL A 40 -9.93 17.77 -7.17
C VAL A 40 -10.41 17.12 -8.46
N GLU A 41 -10.94 17.93 -9.36
CA GLU A 41 -11.38 17.47 -10.68
C GLU A 41 -10.19 16.94 -11.49
N GLY A 42 -9.07 17.64 -11.40
CA GLY A 42 -7.83 17.25 -12.08
C GLY A 42 -7.29 15.95 -11.54
N TRP A 43 -7.30 15.80 -10.22
CA TRP A 43 -6.88 14.54 -9.61
C TRP A 43 -7.80 13.39 -10.01
N LYS A 44 -9.11 13.64 -10.02
CA LYS A 44 -10.08 12.62 -10.41
C LYS A 44 -9.75 12.10 -11.81
N LYS A 45 -9.44 13.02 -12.74
CA LYS A 45 -9.08 12.66 -14.10
C LYS A 45 -7.79 11.83 -14.15
N THR A 46 -6.78 12.24 -13.39
CA THR A 46 -5.55 11.47 -13.27
C THR A 46 -5.83 10.05 -12.76
N PHE A 47 -6.61 9.95 -11.68
CA PHE A 47 -6.91 8.65 -11.08
C PHE A 47 -7.68 7.74 -12.04
N GLU A 48 -8.58 8.32 -12.82
CA GLU A 48 -9.45 7.54 -13.70
C GLU A 48 -8.83 7.21 -15.04
N GLU A 49 -8.04 8.13 -15.58
CA GLU A 49 -7.62 8.03 -16.97
C GLU A 49 -6.14 7.76 -17.18
N ASP A 50 -5.30 8.25 -16.27
CA ASP A 50 -3.85 8.14 -16.44
C ASP A 50 -3.24 6.96 -15.67
N PHE A 51 -3.51 6.90 -14.37
CA PHE A 51 -3.07 5.78 -13.55
C PHE A 51 -3.83 4.56 -14.06
N SER A 52 -3.11 3.56 -14.56
CA SER A 52 -3.78 2.46 -15.24
C SER A 52 -2.92 1.21 -15.31
N PRO A 53 -3.54 0.02 -15.10
CA PRO A 53 -2.76 -1.22 -15.28
C PRO A 53 -2.38 -1.46 -16.74
N ARG A 54 -2.92 -0.67 -17.67
CA ARG A 54 -2.50 -0.78 -19.06
C ARG A 54 -1.02 -0.42 -19.20
N ARG A 55 -0.57 0.48 -18.32
CA ARG A 55 0.83 0.90 -18.29
C ARG A 55 1.71 -0.24 -17.83
N GLY A 56 1.36 -0.88 -16.71
CA GLY A 56 2.09 -2.05 -16.27
C GLY A 56 2.11 -3.15 -17.32
N ALA A 57 0.99 -3.36 -18.00
CA ALA A 57 0.91 -4.38 -19.08
C ALA A 57 1.88 -4.08 -20.21
N GLU A 58 2.01 -2.80 -20.55
CA GLU A 58 2.94 -2.36 -21.58
C GLU A 58 4.37 -2.66 -21.18
N LEU A 59 4.69 -2.47 -19.89
CA LEU A 59 6.02 -2.74 -19.38
C LEU A 59 6.33 -4.23 -19.42
N VAL A 60 5.36 -5.05 -19.06
CA VAL A 60 5.53 -6.51 -19.07
C VAL A 60 5.74 -7.02 -20.50
N ALA A 61 4.90 -6.58 -21.43
CA ALA A 61 5.01 -6.98 -22.84
C ALA A 61 6.36 -6.60 -23.44
N ARG A 62 6.87 -5.42 -23.08
CA ARG A 62 8.19 -4.98 -23.51
C ARG A 62 9.26 -5.89 -22.91
N ALA A 63 9.21 -6.14 -21.61
CA ALA A 63 10.17 -7.03 -20.95
C ALA A 63 10.17 -8.43 -21.59
N TRP A 64 8.99 -8.93 -21.91
CA TRP A 64 8.83 -10.25 -22.51
C TRP A 64 9.49 -10.36 -23.89
N THR A 65 9.55 -9.25 -24.62
CA THR A 65 10.03 -9.27 -26.01
C THR A 65 11.40 -8.64 -26.21
N ASP A 66 11.96 -8.08 -25.14
CA ASP A 66 13.20 -7.30 -25.19
C ASP A 66 14.06 -7.67 -23.99
N PRO A 67 15.01 -8.62 -24.17
CA PRO A 67 15.85 -9.09 -23.05
C PRO A 67 16.60 -7.97 -22.32
N GLU A 68 17.04 -6.96 -23.06
CA GLU A 68 17.77 -5.84 -22.46
C GLU A 68 16.88 -5.03 -21.53
N PHE A 69 15.66 -4.74 -21.98
CA PHE A 69 14.71 -4.02 -21.13
C PHE A 69 14.31 -4.85 -19.91
N ARG A 70 14.14 -6.17 -20.11
CA ARG A 70 13.81 -7.06 -19.01
C ARG A 70 14.85 -6.94 -17.91
N GLN A 71 16.12 -6.97 -18.30
CA GLN A 71 17.22 -6.86 -17.35
C GLN A 71 17.19 -5.51 -16.62
N LEU A 72 16.91 -4.44 -17.36
CA LEU A 72 16.79 -3.11 -16.75
C LEU A 72 15.62 -3.05 -15.76
N LEU A 73 14.47 -3.55 -16.19
CA LEU A 73 13.26 -3.56 -15.35
C LEU A 73 13.50 -4.29 -14.03
N LEU A 74 14.24 -5.39 -14.07
CA LEU A 74 14.49 -6.21 -12.88
C LEU A 74 15.63 -5.71 -12.00
N THR A 75 16.47 -4.82 -12.54
CA THR A 75 17.63 -4.32 -11.78
C THR A 75 17.45 -2.88 -11.32
N ASP A 76 16.78 -2.08 -12.15
CA ASP A 76 16.48 -0.70 -11.81
C ASP A 76 15.09 -0.39 -12.35
N GLY A 77 14.07 -0.84 -11.62
CA GLY A 77 12.69 -0.66 -12.05
C GLY A 77 12.33 0.79 -12.27
N THR A 78 12.81 1.67 -11.40
CA THR A 78 12.53 3.10 -11.50
C THR A 78 12.98 3.64 -12.85
N ALA A 79 14.22 3.32 -13.24
CA ALA A 79 14.76 3.79 -14.51
C ALA A 79 13.96 3.25 -15.69
N ALA A 80 13.59 1.97 -15.62
CA ALA A 80 12.82 1.34 -16.70
C ALA A 80 11.47 2.02 -16.88
N VAL A 81 10.77 2.24 -15.77
CA VAL A 81 9.48 2.90 -15.78
C VAL A 81 9.59 4.36 -16.25
N ALA A 82 10.66 5.04 -15.84
CA ALA A 82 10.91 6.42 -16.26
C ALA A 82 11.06 6.56 -17.79
N GLN A 83 11.58 5.53 -18.45
CA GLN A 83 11.72 5.56 -19.91
C GLN A 83 10.38 5.74 -20.60
N TYR A 84 9.32 5.20 -20.00
CA TYR A 84 7.96 5.33 -20.50
C TYR A 84 7.26 6.57 -19.96
N GLY A 85 7.89 7.25 -19.01
CA GLY A 85 7.30 8.42 -18.36
C GLY A 85 6.18 8.07 -17.38
N TYR A 86 6.25 6.88 -16.79
CA TYR A 86 5.16 6.40 -15.92
C TYR A 86 5.47 6.49 -14.41
N LEU A 87 6.53 7.20 -14.02
CA LEU A 87 6.71 7.46 -12.59
C LEU A 87 5.61 8.41 -12.15
N GLY A 88 5.23 8.33 -10.89
CA GLY A 88 4.21 9.23 -10.39
C GLY A 88 3.98 9.05 -8.90
N PRO A 89 2.96 9.72 -8.36
CA PRO A 89 2.60 9.60 -6.95
C PRO A 89 2.36 8.12 -6.63
N GLN A 90 2.91 7.68 -5.49
CA GLN A 90 2.82 6.28 -5.06
C GLN A 90 3.44 5.33 -6.08
N GLY A 91 4.46 5.85 -6.78
CA GLY A 91 5.16 5.06 -7.79
C GLY A 91 6.43 5.74 -8.23
N GLU A 92 7.22 6.15 -7.24
CA GLU A 92 8.45 6.89 -7.49
C GLU A 92 9.68 6.00 -7.39
N TYR A 93 9.61 4.95 -6.58
CA TYR A 93 10.69 3.97 -6.45
C TYR A 93 10.08 2.61 -6.75
N ILE A 94 10.40 2.07 -7.93
CA ILE A 94 9.75 0.85 -8.43
C ILE A 94 10.70 -0.35 -8.40
N VAL A 95 10.18 -1.47 -7.89
CA VAL A 95 10.87 -2.74 -8.02
C VAL A 95 9.92 -3.73 -8.66
N ALA A 96 10.37 -4.33 -9.76
CA ALA A 96 9.64 -5.39 -10.39
C ALA A 96 10.18 -6.72 -9.89
N VAL A 97 9.28 -7.65 -9.63
CA VAL A 97 9.68 -8.94 -9.06
C VAL A 97 9.32 -10.07 -10.04
N GLU A 98 10.30 -10.93 -10.29
CA GLU A 98 10.26 -11.91 -11.38
C GLU A 98 9.67 -13.26 -10.96
N ASP A 99 8.55 -13.64 -11.55
CA ASP A 99 8.05 -15.02 -11.43
C ASP A 99 8.97 -15.94 -12.23
N THR A 100 9.10 -17.17 -11.76
CA THR A 100 9.94 -18.19 -12.40
C THR A 100 9.21 -19.54 -12.33
N PRO A 101 9.73 -20.58 -13.03
CA PRO A 101 9.09 -21.89 -12.92
C PRO A 101 8.98 -22.43 -11.48
N THR A 102 9.71 -21.85 -10.53
CA THR A 102 9.65 -22.30 -9.13
C THR A 102 9.24 -21.21 -8.13
N LEU A 103 8.82 -20.05 -8.64
CA LEU A 103 8.51 -18.91 -7.77
C LEU A 103 7.34 -18.08 -8.26
N LYS A 104 6.36 -17.86 -7.38
CA LYS A 104 5.22 -16.98 -7.68
C LYS A 104 5.22 -15.85 -6.66
N ASN A 105 5.25 -14.62 -7.16
CA ASN A 105 5.23 -13.43 -6.32
C ASN A 105 3.82 -12.84 -6.24
N VAL A 106 3.51 -12.28 -5.07
CA VAL A 106 2.19 -11.68 -4.80
C VAL A 106 2.44 -10.44 -3.95
N ILE A 107 1.69 -9.36 -4.24
CA ILE A 107 1.87 -8.10 -3.53
C ILE A 107 0.65 -7.78 -2.66
N VAL A 108 0.91 -7.19 -1.50
CA VAL A 108 -0.15 -6.71 -0.60
C VAL A 108 0.37 -5.47 0.13
N CYS A 109 -0.56 -4.71 0.73
CA CYS A 109 -0.21 -3.77 1.79
C CYS A 109 -1.02 -4.17 3.01
N SER A 110 -0.41 -4.93 3.92
CA SER A 110 -1.18 -5.44 5.04
C SER A 110 -1.64 -4.30 5.97
N LEU A 111 -0.88 -3.20 6.01
CA LEU A 111 -1.16 -2.13 6.95
C LEU A 111 -2.17 -1.11 6.45
N CSD A 112 -2.52 -1.06 4.99
CA CSD A 112 -3.43 -0.06 4.48
CB CSD A 112 -2.85 1.36 4.62
SG CSD A 112 -1.17 1.60 4.09
C CSD A 112 -3.73 -0.45 3.06
O CSD A 112 -4.70 -1.16 2.78
OD1 CSD A 112 -0.98 3.10 4.18
OD2 CSD A 112 -0.28 0.89 5.07
N SER A 113 -2.93 0.09 1.93
CA SER A 113 -3.46 -0.21 0.56
C SER A 113 -2.36 0.03 -0.45
N CSO A 114 -1.02 0.32 0.16
CA CSO A 114 0.10 0.75 -0.66
CB CSO A 114 1.36 0.73 0.19
SG CSO A 114 1.03 1.52 1.74
C CSO A 114 0.22 -0.14 -1.89
O CSO A 114 0.19 -1.36 -1.89
OD CSO A 114 1.13 3.01 1.35
N THR A 115 0.26 0.62 -3.12
CA THR A 115 0.11 0.11 -4.50
C THR A 115 0.86 1.05 -5.39
N ALA A 116 1.50 0.49 -6.42
CA ALA A 116 2.15 1.28 -7.47
C ALA A 116 1.08 1.93 -8.36
N TRP A 117 0.44 2.97 -7.84
CA TRP A 117 -0.69 3.62 -8.54
C TRP A 117 -0.51 3.89 -10.03
N PRO A 118 0.62 4.54 -10.44
CA PRO A 118 0.65 4.97 -11.84
C PRO A 118 0.66 3.83 -12.85
N ILE A 119 1.17 2.67 -12.45
CA ILE A 119 1.37 1.55 -13.38
C ILE A 119 0.43 0.38 -13.14
N LEU A 120 -0.19 0.34 -11.97
CA LEU A 120 -1.20 -0.69 -11.66
C LEU A 120 -2.62 -0.14 -11.58
N GLY A 121 -2.74 1.19 -11.52
CA GLY A 121 -4.00 1.83 -11.18
C GLY A 121 -4.25 1.82 -9.68
N LEU A 122 -5.17 2.67 -9.23
CA LEU A 122 -5.55 2.65 -7.81
C LEU A 122 -5.99 1.24 -7.40
N PRO A 123 -5.69 0.84 -6.15
CA PRO A 123 -6.04 -0.52 -5.74
C PRO A 123 -7.55 -0.77 -5.79
N PRO A 124 -7.95 -2.00 -6.15
CA PRO A 124 -9.34 -2.41 -6.15
C PRO A 124 -9.84 -2.64 -4.72
N THR A 125 -11.15 -2.54 -4.53
CA THR A 125 -11.75 -2.76 -3.23
C THR A 125 -11.24 -4.05 -2.56
N TRP A 126 -11.14 -5.14 -3.32
CA TRP A 126 -10.76 -6.42 -2.71
C TRP A 126 -9.35 -6.40 -2.14
N TYR A 127 -8.46 -5.64 -2.76
CA TYR A 127 -7.05 -5.60 -2.34
C TYR A 127 -6.92 -4.87 -1.00
N LYS A 128 -7.83 -3.92 -0.80
CA LYS A 128 -7.89 -3.12 0.42
C LYS A 128 -8.73 -3.80 1.51
N SER A 129 -9.29 -4.97 1.20
CA SER A 129 -10.19 -5.64 2.14
C SER A 129 -9.42 -6.19 3.33
N PHE A 130 -10.07 -6.24 4.47
CA PHE A 130 -9.45 -6.84 5.63
C PHE A 130 -9.12 -8.31 5.37
N GLU A 131 -9.95 -8.98 4.57
CA GLU A 131 -9.71 -10.39 4.23
C GLU A 131 -8.36 -10.58 3.54
N TYR A 132 -8.09 -9.76 2.52
CA TYR A 132 -6.83 -9.88 1.79
C TYR A 132 -5.64 -9.46 2.66
N ARG A 133 -5.78 -8.32 3.34
CA ARG A 133 -4.74 -7.78 4.20
C ARG A 133 -4.37 -8.74 5.34
N ALA A 134 -5.35 -9.46 5.89
CA ALA A 134 -5.05 -10.39 6.97
C ALA A 134 -4.48 -11.71 6.48
N ARG A 135 -5.04 -12.21 5.39
CA ARG A 135 -4.84 -13.62 5.01
C ARG A 135 -3.71 -13.88 4.04
N VAL A 136 -3.50 -13.01 3.05
CA VAL A 136 -2.53 -13.36 2.00
C VAL A 136 -1.09 -13.52 2.53
N VAL A 137 -0.72 -12.79 3.59
CA VAL A 137 0.62 -12.91 4.16
C VAL A 137 0.85 -14.29 4.79
N ARG A 138 -0.22 -14.86 5.34
CA ARG A 138 -0.14 -16.11 6.10
C ARG A 138 -0.53 -17.35 5.31
N GLU A 139 -1.52 -17.22 4.43
CA GLU A 139 -1.98 -18.36 3.63
C GLU A 139 -2.21 -17.99 2.16
N PRO A 140 -1.15 -17.54 1.49
CA PRO A 140 -1.30 -17.09 0.11
C PRO A 140 -1.78 -18.17 -0.86
N ARG A 141 -1.37 -19.43 -0.66
N ARG A 141 -1.37 -19.42 -0.63
CA ARG A 141 -1.81 -20.49 -1.58
CA ARG A 141 -1.78 -20.52 -1.52
C ARG A 141 -3.33 -20.67 -1.52
C ARG A 141 -3.30 -20.70 -1.51
N LYS A 142 -3.88 -20.72 -0.30
CA LYS A 142 -5.32 -20.87 -0.14
C LYS A 142 -6.07 -19.64 -0.66
N VAL A 143 -5.54 -18.46 -0.36
CA VAL A 143 -6.16 -17.23 -0.86
C VAL A 143 -6.20 -17.22 -2.39
N LEU A 144 -5.06 -17.49 -3.03
CA LEU A 144 -5.05 -17.52 -4.49
C LEU A 144 -6.00 -18.59 -5.04
N SER A 145 -6.00 -19.76 -4.41
CA SER A 145 -6.88 -20.85 -4.85
C SER A 145 -8.34 -20.43 -4.84
N GLU A 146 -8.76 -19.82 -3.73
CA GLU A 146 -10.12 -19.33 -3.59
C GLU A 146 -10.47 -18.27 -4.63
N MET A 147 -9.46 -17.48 -4.99
CA MET A 147 -9.61 -16.42 -6.00
C MET A 147 -9.60 -16.98 -7.43
N GLY A 148 -9.29 -18.27 -7.59
CA GLY A 148 -9.31 -18.90 -8.91
C GLY A 148 -7.94 -19.19 -9.52
N THR A 149 -6.89 -19.05 -8.73
CA THR A 149 -5.54 -19.31 -9.22
C THR A 149 -4.89 -20.45 -8.43
N GLU A 150 -4.71 -21.59 -9.11
CA GLU A 150 -4.06 -22.73 -8.50
C GLU A 150 -2.56 -22.64 -8.73
N ILE A 151 -1.80 -22.54 -7.65
CA ILE A 151 -0.34 -22.54 -7.77
C ILE A 151 0.13 -23.96 -7.53
N ALA A 152 0.81 -24.51 -8.54
CA ALA A 152 1.35 -25.87 -8.50
C ALA A 152 2.22 -26.06 -7.25
N SER A 153 2.19 -27.28 -6.71
CA SER A 153 2.88 -27.58 -5.45
C SER A 153 4.39 -27.36 -5.46
N ASP A 154 5.00 -27.41 -6.65
CA ASP A 154 6.45 -27.22 -6.81
C ASP A 154 6.89 -25.75 -6.92
N ILE A 155 5.99 -24.83 -6.60
CA ILE A 155 6.26 -23.39 -6.75
C ILE A 155 6.18 -22.67 -5.39
N GLU A 156 7.30 -22.07 -4.97
CA GLU A 156 7.36 -21.23 -3.76
C GLU A 156 6.52 -19.98 -3.99
N ILE A 157 5.69 -19.61 -3.01
CA ILE A 157 5.00 -18.32 -3.07
C ILE A 157 5.72 -17.34 -2.16
N ARG A 158 5.99 -16.15 -2.71
CA ARG A 158 6.65 -15.08 -1.98
C ARG A 158 5.71 -13.88 -1.97
N VAL A 159 5.37 -13.43 -0.77
CA VAL A 159 4.48 -12.29 -0.62
C VAL A 159 5.31 -11.07 -0.26
N TYR A 160 5.15 -10.00 -1.03
CA TYR A 160 5.80 -8.73 -0.75
C TYR A 160 4.78 -7.83 -0.05
N ASP A 161 5.08 -7.50 1.21
CA ASP A 161 4.25 -6.58 1.97
C ASP A 161 4.80 -5.17 1.77
N THR A 162 3.97 -4.28 1.23
CA THR A 162 4.38 -2.95 0.83
C THR A 162 4.34 -2.01 2.02
N THR A 163 5.39 -2.05 2.83
CA THR A 163 5.41 -1.41 4.14
C THR A 163 6.15 -0.08 4.17
N ALA A 164 6.86 0.28 3.09
CA ALA A 164 7.57 1.55 3.05
C ALA A 164 7.34 2.27 1.73
N GLU A 165 8.42 2.72 1.07
CA GLU A 165 8.29 3.49 -0.16
C GLU A 165 8.49 2.70 -1.46
N THR A 166 9.06 1.49 -1.38
CA THR A 166 9.13 0.64 -2.57
C THR A 166 7.71 0.36 -3.06
N ARG A 167 7.48 0.51 -4.35
CA ARG A 167 6.21 0.17 -4.96
C ARG A 167 6.48 -0.91 -5.99
N TYR A 168 5.72 -1.99 -5.92
CA TYR A 168 6.05 -3.22 -6.62
C TYR A 168 5.15 -3.50 -7.82
N MET A 169 5.70 -4.21 -8.81
CA MET A 169 4.87 -4.86 -9.83
C MET A 169 5.42 -6.26 -10.03
N VAL A 170 4.54 -7.21 -10.33
CA VAL A 170 4.96 -8.57 -10.67
C VAL A 170 5.21 -8.63 -12.18
N LEU A 171 6.34 -9.23 -12.55
CA LEU A 171 6.60 -9.63 -13.92
C LEU A 171 6.23 -11.11 -14.02
N PRO A 172 5.04 -11.43 -14.57
CA PRO A 172 4.65 -12.83 -14.60
C PRO A 172 5.43 -13.60 -15.65
N GLN A 173 5.42 -14.92 -15.54
CA GLN A 173 5.96 -15.78 -16.60
C GLN A 173 5.17 -15.58 -17.87
N ARG A 174 5.85 -15.64 -19.00
CA ARG A 174 5.16 -15.56 -20.28
C ARG A 174 4.58 -16.93 -20.62
N PRO A 175 3.25 -17.00 -20.82
CA PRO A 175 2.64 -18.30 -21.06
C PRO A 175 2.95 -18.87 -22.44
N ALA A 176 3.03 -20.19 -22.53
CA ALA A 176 3.15 -20.88 -23.82
C ALA A 176 1.96 -20.53 -24.71
N GLY A 177 2.19 -20.54 -26.02
CA GLY A 177 1.15 -20.23 -26.98
C GLY A 177 1.09 -18.76 -27.37
N THR A 178 2.03 -17.98 -26.86
CA THR A 178 2.14 -16.56 -27.19
C THR A 178 3.39 -16.22 -28.01
N GLU A 179 4.07 -17.26 -28.50
CA GLU A 179 5.31 -17.06 -29.23
C GLU A 179 5.08 -16.21 -30.46
N GLY A 180 5.87 -15.13 -30.59
CA GLY A 180 5.77 -14.26 -31.75
C GLY A 180 4.66 -13.24 -31.72
N TRP A 181 3.86 -13.24 -30.65
CA TRP A 181 2.79 -12.25 -30.52
C TRP A 181 3.39 -10.84 -30.51
N SER A 182 2.61 -9.87 -30.99
CA SER A 182 3.04 -8.48 -30.93
C SER A 182 2.94 -7.98 -29.49
N GLN A 183 3.58 -6.84 -29.23
CA GLN A 183 3.50 -6.20 -27.90
C GLN A 183 2.04 -5.89 -27.54
N GLU A 184 1.27 -5.41 -28.52
CA GLU A 184 -0.16 -5.13 -28.31
C GLU A 184 -0.94 -6.38 -27.91
N GLN A 185 -0.68 -7.49 -28.59
CA GLN A 185 -1.32 -8.76 -28.29
C GLN A 185 -0.97 -9.26 -26.89
N LEU A 186 0.30 -9.09 -26.53
CA LEU A 186 0.77 -9.54 -25.22
C LEU A 186 0.21 -8.66 -24.09
N GLN A 187 0.16 -7.35 -24.32
CA GLN A 187 -0.39 -6.41 -23.34
C GLN A 187 -1.80 -6.81 -22.95
N GLU A 188 -2.55 -7.33 -23.91
CA GLU A 188 -3.96 -7.61 -23.72
C GLU A 188 -4.19 -8.67 -22.63
N ILE A 189 -3.25 -9.61 -22.49
CA ILE A 189 -3.43 -10.71 -21.55
C ILE A 189 -2.78 -10.44 -20.19
N VAL A 190 -2.08 -9.32 -20.06
CA VAL A 190 -1.53 -8.91 -18.78
C VAL A 190 -2.52 -7.98 -18.08
N THR A 191 -3.28 -8.54 -17.15
CA THR A 191 -4.35 -7.82 -16.46
C THR A 191 -3.84 -7.21 -15.15
N LYS A 192 -4.66 -6.36 -14.56
CA LYS A 192 -4.38 -5.77 -13.26
C LYS A 192 -4.01 -6.85 -12.23
N ASP A 193 -4.78 -7.93 -12.21
CA ASP A 193 -4.53 -9.02 -11.28
C ASP A 193 -3.22 -9.75 -11.52
N CYS A 194 -2.77 -9.77 -12.78
CA CYS A 194 -1.45 -10.33 -13.09
C CYS A 194 -0.32 -9.49 -12.50
N LEU A 195 -0.48 -8.16 -12.55
CA LEU A 195 0.51 -7.23 -12.01
C LEU A 195 0.58 -7.25 -10.47
N ILE A 196 -0.58 -7.47 -9.83
CA ILE A 196 -0.61 -7.60 -8.38
C ILE A 196 -0.04 -8.95 -7.96
N GLY A 197 -0.26 -9.96 -8.81
CA GLY A 197 0.34 -11.27 -8.59
C GLY A 197 -0.65 -12.37 -8.26
N VAL A 198 -1.94 -12.04 -8.18
CA VAL A 198 -2.94 -13.03 -7.82
C VAL A 198 -3.44 -13.86 -9.00
N ALA A 199 -3.14 -13.41 -10.22
CA ALA A 199 -3.56 -14.09 -11.46
C ALA A 199 -2.33 -14.40 -12.31
N ILE A 200 -2.45 -15.44 -13.13
CA ILE A 200 -1.45 -15.80 -14.14
C ILE A 200 -2.06 -15.43 -15.51
N PRO A 201 -1.26 -14.79 -16.41
CA PRO A 201 -1.79 -14.41 -17.74
C PRO A 201 -2.37 -15.62 -18.48
N GLN A 202 -3.54 -15.44 -19.08
CA GLN A 202 -4.31 -16.51 -19.72
C GLN A 202 -4.28 -16.40 -21.23
N VAL A 203 -4.04 -17.53 -21.90
CA VAL A 203 -4.06 -17.60 -23.35
C VAL A 203 -5.35 -18.30 -23.80
N PRO A 204 -6.15 -17.63 -24.65
CA PRO A 204 -7.36 -18.26 -25.17
C PRO A 204 -7.04 -19.58 -25.90
N MET B 1 2.34 1.39 16.34
CA MET B 1 1.09 1.36 17.15
C MET B 1 0.43 0.03 16.92
N ASP B 2 0.22 -0.73 18.00
CA ASP B 2 -0.34 -2.09 17.90
C ASP B 2 -1.85 -2.04 17.73
N GLY B 3 -2.30 -1.34 16.70
CA GLY B 3 -3.73 -1.15 16.50
C GLY B 3 -4.36 -2.25 15.67
N VAL B 4 -5.68 -2.16 15.54
CA VAL B 4 -6.41 -3.19 14.79
C VAL B 4 -6.06 -3.16 13.30
N HIS B 5 -5.49 -2.04 12.82
CA HIS B 5 -5.07 -1.93 11.42
C HIS B 5 -3.94 -2.92 11.07
N ASP B 6 -3.23 -3.42 12.09
CA ASP B 6 -2.10 -4.32 11.86
C ASP B 6 -2.71 -5.72 11.71
N LEU B 7 -3.22 -5.97 10.51
CA LEU B 7 -4.07 -7.12 10.24
C LEU B 7 -3.35 -8.39 9.78
N ALA B 8 -2.15 -8.27 9.24
CA ALA B 8 -1.45 -9.44 8.72
C ALA B 8 -1.37 -10.54 9.77
N GLY B 9 -1.83 -11.73 9.38
CA GLY B 9 -1.79 -12.90 10.26
C GLY B 9 -3.01 -13.09 11.16
N VAL B 10 -3.92 -12.11 11.20
CA VAL B 10 -5.14 -12.26 11.98
C VAL B 10 -5.98 -13.37 11.35
N GLN B 11 -6.54 -14.22 12.18
CA GLN B 11 -7.31 -15.38 11.73
C GLN B 11 -8.80 -15.19 11.99
N GLY B 12 -9.63 -15.77 11.12
CA GLY B 12 -11.08 -15.68 11.27
C GLY B 12 -11.81 -14.98 10.15
N PHE B 13 -11.09 -14.28 9.29
CA PHE B 13 -11.70 -13.68 8.11
C PHE B 13 -12.10 -14.72 7.07
N GLY B 14 -13.16 -14.39 6.35
CA GLY B 14 -13.62 -15.22 5.24
C GLY B 14 -12.92 -14.97 3.91
N LYS B 15 -13.62 -15.32 2.84
CA LYS B 15 -13.07 -15.24 1.49
C LYS B 15 -12.80 -13.80 1.08
N VAL B 16 -11.73 -13.60 0.33
CA VAL B 16 -11.48 -12.31 -0.31
C VAL B 16 -12.61 -12.08 -1.32
N PRO B 17 -13.23 -10.89 -1.30
CA PRO B 17 -14.37 -10.66 -2.19
C PRO B 17 -13.98 -10.36 -3.64
N HIS B 18 -13.40 -11.35 -4.31
CA HIS B 18 -12.95 -11.23 -5.69
C HIS B 18 -12.64 -12.60 -6.24
N THR B 19 -12.89 -12.77 -7.54
CA THR B 19 -12.33 -13.88 -8.30
C THR B 19 -11.48 -13.21 -9.36
N VAL B 20 -10.35 -13.83 -9.71
CA VAL B 20 -9.39 -13.16 -10.60
C VAL B 20 -10.01 -12.70 -11.91
N ASN B 21 -9.63 -11.50 -12.31
CA ASN B 21 -10.09 -10.85 -13.55
C ASN B 21 -11.56 -10.52 -13.60
N ALA B 22 -12.26 -10.65 -12.47
CA ALA B 22 -13.65 -10.21 -12.41
C ALA B 22 -13.70 -8.70 -12.57
N ASP B 23 -14.78 -8.22 -13.18
CA ASP B 23 -14.98 -6.79 -13.40
C ASP B 23 -15.06 -6.09 -12.04
N ILE B 24 -14.16 -5.11 -11.80
CA ILE B 24 -14.15 -4.38 -10.52
C ILE B 24 -14.93 -3.06 -10.59
N GLY B 25 -15.58 -2.84 -11.74
CA GLY B 25 -16.36 -1.61 -11.96
C GLY B 25 -15.45 -0.40 -12.13
N PRO B 26 -16.04 0.80 -12.03
CA PRO B 26 -15.28 2.04 -12.22
C PRO B 26 -14.28 2.27 -11.09
N THR B 27 -13.30 3.14 -11.33
CA THR B 27 -12.33 3.52 -10.30
C THR B 27 -13.05 3.98 -9.03
N PHE B 28 -14.02 4.87 -9.20
CA PHE B 28 -14.79 5.40 -8.09
C PHE B 28 -16.24 4.95 -8.22
N HIS B 29 -16.76 4.39 -7.13
CA HIS B 29 -18.12 3.84 -7.11
C HIS B 29 -19.16 4.81 -6.57
N ALA B 30 -18.70 5.97 -6.13
CA ALA B 30 -19.59 7.06 -5.71
C ALA B 30 -18.93 8.39 -6.07
N GLU B 31 -19.73 9.44 -6.20
CA GLU B 31 -19.26 10.72 -6.70
C GLU B 31 -18.32 11.50 -5.76
N TRP B 32 -18.22 11.06 -4.51
CA TRP B 32 -17.34 11.71 -3.52
C TRP B 32 -15.99 10.99 -3.36
N GLU B 33 -15.86 9.79 -3.92
CA GLU B 33 -14.73 8.91 -3.55
C GLU B 33 -13.35 9.40 -3.96
N HIS B 34 -13.28 10.31 -4.94
CA HIS B 34 -11.99 10.91 -5.31
C HIS B 34 -11.54 12.00 -4.34
N LEU B 35 -12.44 12.44 -3.46
CA LEU B 35 -12.11 13.55 -2.55
C LEU B 35 -11.05 13.26 -1.50
N PRO B 36 -11.12 12.11 -0.80
CA PRO B 36 -10.05 11.94 0.20
C PRO B 36 -8.61 12.00 -0.35
N TYR B 37 -8.33 11.30 -1.45
CA TYR B 37 -6.97 11.37 -2.00
C TYR B 37 -6.63 12.77 -2.50
N SER B 38 -7.59 13.39 -3.20
CA SER B 38 -7.33 14.71 -3.77
C SER B 38 -7.07 15.75 -2.69
N LEU B 39 -7.85 15.68 -1.59
CA LEU B 39 -7.67 16.62 -0.49
C LEU B 39 -6.45 16.28 0.37
N MET B 40 -6.07 15.00 0.42
CA MET B 40 -4.79 14.64 1.00
C MET B 40 -3.67 15.36 0.25
N PHE B 41 -3.69 15.30 -1.08
CA PHE B 41 -2.65 15.95 -1.87
C PHE B 41 -2.68 17.46 -1.71
N ALA B 42 -3.87 18.04 -1.61
CA ALA B 42 -3.97 19.48 -1.30
C ALA B 42 -3.24 19.75 0.02
N GLY B 43 -3.53 18.95 1.04
CA GLY B 43 -2.90 19.10 2.35
C GLY B 43 -1.39 18.95 2.32
N VAL B 44 -0.93 17.92 1.60
CA VAL B 44 0.51 17.60 1.54
C VAL B 44 1.28 18.55 0.62
N ALA B 45 0.82 18.66 -0.62
CA ALA B 45 1.58 19.32 -1.69
C ALA B 45 1.31 20.82 -1.84
N GLU B 46 0.07 21.22 -1.57
CA GLU B 46 -0.31 22.62 -1.72
C GLU B 46 -0.21 23.42 -0.42
N LEU B 47 -0.74 22.85 0.66
CA LEU B 47 -0.73 23.55 1.96
C LEU B 47 0.52 23.29 2.77
N GLY B 48 1.18 22.15 2.54
CA GLY B 48 2.27 21.71 3.41
C GLY B 48 1.86 21.51 4.85
N ALA B 49 0.61 21.13 5.07
CA ALA B 49 0.02 21.04 6.42
C ALA B 49 0.39 19.74 7.15
N PHE B 50 0.65 18.70 6.37
CA PHE B 50 0.98 17.39 6.93
C PHE B 50 1.68 16.52 5.87
N SER B 51 2.26 15.40 6.33
CA SER B 51 2.90 14.44 5.46
C SER B 51 1.94 13.29 5.14
N VAL B 52 2.28 12.50 4.12
CA VAL B 52 1.53 11.29 3.83
C VAL B 52 1.56 10.35 5.05
N ASP B 53 2.71 10.29 5.73
CA ASP B 53 2.85 9.45 6.92
C ASP B 53 1.84 9.83 8.00
N GLU B 54 1.63 11.14 8.18
CA GLU B 54 0.60 11.62 9.11
C GLU B 54 -0.82 11.15 8.73
N VAL B 55 -1.09 11.02 7.44
CA VAL B 55 -2.38 10.48 6.98
C VAL B 55 -2.48 8.99 7.37
N ARG B 56 -1.42 8.22 7.14
CA ARG B 56 -1.48 6.82 7.58
C ARG B 56 -1.75 6.75 9.08
N TYR B 57 -1.05 7.56 9.87
CA TYR B 57 -1.17 7.47 11.31
C TYR B 57 -2.54 7.92 11.79
N VAL B 58 -3.09 8.98 11.21
CA VAL B 58 -4.41 9.44 11.67
C VAL B 58 -5.50 8.40 11.39
N VAL B 59 -5.36 7.64 10.30
CA VAL B 59 -6.27 6.52 10.03
C VAL B 59 -6.07 5.41 11.07
N GLU B 60 -4.81 5.11 11.43
CA GLU B 60 -4.52 4.16 12.51
C GLU B 60 -5.16 4.59 13.82
N ARG B 61 -5.38 5.89 13.98
CA ARG B 61 -5.90 6.45 15.22
C ARG B 61 -7.42 6.47 15.29
N MET B 62 -8.09 6.01 14.23
CA MET B 62 -9.54 5.83 14.36
C MET B 62 -9.82 4.93 15.55
N GLU B 63 -10.88 5.22 16.29
CA GLU B 63 -11.30 4.32 17.36
C GLU B 63 -11.44 2.90 16.73
N PRO B 64 -10.97 1.85 17.44
CA PRO B 64 -10.87 0.55 16.76
C PRO B 64 -12.17 0.00 16.17
N ARG B 65 -13.27 0.07 16.89
CA ARG B 65 -14.54 -0.42 16.32
C ARG B 65 -14.94 0.44 15.12
N HIS B 66 -14.71 1.75 15.22
CA HIS B 66 -14.97 2.66 14.11
C HIS B 66 -14.16 2.26 12.85
N TYR B 67 -12.86 2.02 13.02
CA TYR B 67 -12.03 1.54 11.93
C TYR B 67 -12.63 0.29 11.28
N MET B 68 -13.05 -0.68 12.11
CA MET B 68 -13.47 -1.99 11.60
C MET B 68 -14.77 -1.94 10.81
N MET B 69 -15.61 -0.94 11.06
CA MET B 69 -16.90 -0.87 10.33
C MET B 69 -16.95 0.18 9.23
N THR B 70 -15.83 0.86 9.00
CA THR B 70 -15.78 1.95 8.02
C THR B 70 -15.13 1.51 6.69
N PRO B 71 -15.84 1.73 5.56
CA PRO B 71 -15.24 1.44 4.27
C PRO B 71 -13.96 2.23 4.02
N TYR B 72 -13.06 1.67 3.22
CA TYR B 72 -11.77 2.26 2.92
C TYR B 72 -11.80 3.78 2.66
N TYR B 73 -12.50 4.23 1.63
CA TYR B 73 -12.36 5.64 1.24
C TYR B 73 -12.89 6.55 2.35
N GLU B 74 -13.89 6.07 3.09
CA GLU B 74 -14.45 6.86 4.18
C GLU B 74 -13.41 7.03 5.31
N ARG B 75 -12.58 6.02 5.57
CA ARG B 75 -11.53 6.20 6.57
C ARG B 75 -10.63 7.39 6.26
N TYR B 76 -10.36 7.61 4.97
CA TYR B 76 -9.50 8.73 4.57
C TYR B 76 -10.20 10.08 4.60
N VAL B 77 -11.50 10.09 4.34
CA VAL B 77 -12.31 11.29 4.62
C VAL B 77 -12.18 11.67 6.10
N ILE B 78 -12.39 10.69 6.97
CA ILE B 78 -12.26 10.92 8.42
C ILE B 78 -10.84 11.33 8.78
N GLY B 79 -9.84 10.65 8.23
CA GLY B 79 -8.45 10.95 8.57
C GLY B 79 -8.03 12.35 8.14
N VAL B 80 -8.30 12.68 6.89
CA VAL B 80 -7.92 14.01 6.38
C VAL B 80 -8.66 15.10 7.17
N ALA B 81 -9.96 14.91 7.40
CA ALA B 81 -10.72 15.90 8.21
C ALA B 81 -10.09 16.06 9.61
N THR B 82 -9.70 14.95 10.22
CA THR B 82 -9.10 14.99 11.55
C THR B 82 -7.82 15.82 11.53
N LEU B 83 -6.95 15.57 10.56
CA LEU B 83 -5.70 16.31 10.44
C LEU B 83 -5.96 17.80 10.25
N MET B 84 -6.95 18.14 9.44
CA MET B 84 -7.27 19.57 9.21
C MET B 84 -7.71 20.23 10.51
N VAL B 85 -8.42 19.50 11.37
CA VAL B 85 -8.84 20.06 12.65
C VAL B 85 -7.64 20.14 13.60
N GLU B 86 -6.85 19.07 13.68
CA GLU B 86 -5.66 19.06 14.55
C GLU B 86 -4.63 20.12 14.20
N LYS B 87 -4.51 20.43 12.92
CA LYS B 87 -3.57 21.45 12.45
C LYS B 87 -4.14 22.88 12.55
N GLY B 88 -5.40 23.00 12.97
CA GLY B 88 -6.03 24.32 13.19
C GLY B 88 -6.55 24.98 11.92
N ILE B 89 -6.61 24.22 10.83
CA ILE B 89 -7.08 24.71 9.54
C ILE B 89 -8.61 24.76 9.50
N LEU B 90 -9.23 23.73 10.06
CA LEU B 90 -10.69 23.64 10.13
C LEU B 90 -11.10 23.40 11.57
N THR B 91 -12.38 23.61 11.84
CA THR B 91 -12.97 23.23 13.13
C THR B 91 -13.94 22.08 12.95
N GLN B 92 -14.12 21.27 13.99
CA GLN B 92 -15.11 20.21 13.90
C GLN B 92 -16.52 20.80 13.77
N ASP B 93 -16.75 21.95 14.41
CA ASP B 93 -18.04 22.63 14.31
C ASP B 93 -18.43 22.92 12.87
N GLU B 94 -17.49 23.49 12.09
CA GLU B 94 -17.83 23.84 10.72
C GLU B 94 -18.04 22.60 9.85
N LEU B 95 -17.25 21.55 10.10
CA LEU B 95 -17.46 20.28 9.39
C LEU B 95 -18.84 19.71 9.65
N GLU B 96 -19.25 19.70 10.92
CA GLU B 96 -20.58 19.16 11.27
C GLU B 96 -21.72 20.05 10.78
N SER B 97 -21.50 21.36 10.82
CA SER B 97 -22.49 22.29 10.29
C SER B 97 -22.72 22.08 8.79
N LEU B 98 -21.61 21.97 8.06
CA LEU B 98 -21.68 21.75 6.63
C LEU B 98 -22.21 20.36 6.29
N ALA B 99 -21.82 19.35 7.08
CA ALA B 99 -22.30 17.99 6.87
C ALA B 99 -23.76 17.80 7.25
N GLY B 100 -24.26 18.67 8.12
CA GLY B 100 -25.65 18.54 8.61
C GLY B 100 -25.85 17.42 9.62
N GLY B 101 -24.80 17.07 10.34
CA GLY B 101 -24.87 16.02 11.33
C GLY B 101 -23.51 15.62 11.85
N PRO B 102 -23.46 14.54 12.65
CA PRO B 102 -22.22 14.14 13.31
C PRO B 102 -21.10 13.74 12.34
N PHE B 103 -19.89 14.15 12.70
CA PHE B 103 -18.70 13.88 11.91
C PHE B 103 -17.62 13.52 12.93
N PRO B 104 -17.75 12.34 13.60
CA PRO B 104 -16.72 11.94 14.55
C PRO B 104 -15.38 11.70 13.84
N LEU B 105 -14.30 12.05 14.54
CA LEU B 105 -12.97 12.06 14.00
C LEU B 105 -12.12 10.96 14.62
N SER B 106 -10.89 10.81 14.12
CA SER B 106 -9.95 9.91 14.79
C SER B 106 -9.63 10.39 16.21
N ARG B 107 -9.16 9.47 17.05
CA ARG B 107 -8.80 9.82 18.42
C ARG B 107 -7.48 10.56 18.48
N PRO B 108 -7.30 11.42 19.50
CA PRO B 108 -6.01 12.09 19.62
C PRO B 108 -4.87 11.10 19.77
N SER B 109 -3.68 11.50 19.32
CA SER B 109 -2.49 10.70 19.47
C SER B 109 -2.10 10.54 20.93
N GLU B 110 -1.64 9.35 21.28
CA GLU B 110 -1.19 9.09 22.65
C GLU B 110 0.32 8.98 22.71
N SER B 111 0.97 9.33 21.60
CA SER B 111 2.43 9.35 21.54
C SER B 111 2.90 10.57 20.76
N GLU B 112 4.02 11.15 21.21
CA GLU B 112 4.62 12.26 20.49
C GLU B 112 5.52 11.77 19.35
N GLY B 113 5.60 10.45 19.18
CA GLY B 113 6.47 9.87 18.16
C GLY B 113 7.86 9.66 18.71
N ARG B 114 8.79 9.33 17.82
CA ARG B 114 10.19 9.20 18.23
C ARG B 114 11.11 9.61 17.08
N PRO B 115 12.34 10.06 17.40
CA PRO B 115 13.24 10.48 16.33
C PRO B 115 13.81 9.32 15.54
N ALA B 116 14.38 9.61 14.37
CA ALA B 116 15.16 8.62 13.66
C ALA B 116 16.25 8.09 14.61
N PRO B 117 16.44 6.76 14.65
CA PRO B 117 17.44 6.19 15.54
C PRO B 117 18.82 6.77 15.29
N VAL B 118 19.55 7.03 16.36
CA VAL B 118 20.88 7.64 16.26
C VAL B 118 21.91 6.60 15.77
N GLU B 119 21.73 5.36 16.21
CA GLU B 119 22.67 4.29 15.89
C GLU B 119 22.01 3.21 15.03
N THR B 120 22.43 3.15 13.78
CA THR B 120 21.97 2.15 12.83
C THR B 120 23.15 1.56 12.05
N THR B 121 22.87 0.53 11.27
CA THR B 121 23.90 -0.18 10.53
C THR B 121 23.52 -0.19 9.06
N THR B 122 24.50 0.07 8.19
CA THR B 122 24.31 -0.13 6.77
C THR B 122 24.46 -1.62 6.48
N PHE B 123 23.38 -2.26 6.04
CA PHE B 123 23.39 -3.70 5.77
C PHE B 123 23.60 -4.00 4.29
N GLU B 124 24.10 -5.19 4.00
CA GLU B 124 24.37 -5.58 2.62
C GLU B 124 23.48 -6.75 2.20
N VAL B 125 23.25 -6.89 0.90
CA VAL B 125 22.49 -8.01 0.35
C VAL B 125 23.10 -9.33 0.80
N GLY B 126 22.25 -10.20 1.36
CA GLY B 126 22.68 -11.53 1.80
C GLY B 126 22.92 -11.61 3.29
N GLN B 127 23.04 -10.46 3.94
CA GLN B 127 23.27 -10.43 5.39
C GLN B 127 22.00 -10.79 6.16
N ARG B 128 22.18 -11.46 7.30
N ARG B 128 22.20 -11.47 7.28
CA ARG B 128 21.07 -11.85 8.16
CA ARG B 128 21.12 -11.82 8.19
C ARG B 128 20.81 -10.78 9.21
C ARG B 128 20.85 -10.66 9.12
N VAL B 129 19.57 -10.32 9.29
CA VAL B 129 19.17 -9.26 10.22
C VAL B 129 18.00 -9.70 11.07
N ARG B 130 17.90 -9.08 12.24
N ARG B 130 17.89 -9.12 12.27
CA ARG B 130 16.77 -9.25 13.13
CA ARG B 130 16.72 -9.31 13.10
C ARG B 130 15.99 -7.93 13.18
C ARG B 130 15.99 -7.98 13.30
N VAL B 131 14.67 -8.03 13.24
CA VAL B 131 13.84 -6.86 13.46
C VAL B 131 13.88 -6.53 14.96
N ARG B 132 14.26 -5.29 15.26
CA ARG B 132 14.42 -4.86 16.65
C ARG B 132 13.17 -5.20 17.46
N ASP B 133 13.39 -5.76 18.64
CA ASP B 133 12.32 -6.15 19.54
C ASP B 133 11.89 -4.93 20.36
N GLU B 134 11.18 -4.03 19.68
CA GLU B 134 10.80 -2.73 20.24
C GLU B 134 9.30 -2.53 20.07
N TYR B 135 8.73 -1.78 21.01
CA TYR B 135 7.31 -1.46 21.00
C TYR B 135 7.15 0.05 20.90
N VAL B 136 6.46 0.48 19.85
CA VAL B 136 6.31 1.90 19.54
C VAL B 136 4.81 2.25 19.56
N PRO B 137 4.38 3.12 20.49
CA PRO B 137 2.94 3.40 20.59
C PRO B 137 2.43 4.31 19.48
N GLY B 138 3.32 5.10 18.88
CA GLY B 138 2.94 5.95 17.75
C GLY B 138 3.14 5.23 16.44
N HIS B 139 3.26 6.00 15.37
CA HIS B 139 3.34 5.44 14.03
C HIS B 139 4.62 4.64 13.86
N ILE B 140 4.49 3.48 13.21
CA ILE B 140 5.64 2.66 12.85
C ILE B 140 5.27 1.82 11.61
N ARG B 141 6.21 1.64 10.70
CA ARG B 141 5.99 0.86 9.48
C ARG B 141 6.58 -0.53 9.58
N MET B 142 6.38 -1.12 10.76
CA MET B 142 6.75 -2.49 11.01
C MET B 142 5.50 -3.24 11.46
N PRO B 143 5.00 -4.18 10.64
CA PRO B 143 3.87 -5.02 11.07
C PRO B 143 4.35 -5.96 12.15
N ALA B 144 3.50 -6.21 13.15
CA ALA B 144 3.94 -6.96 14.33
C ALA B 144 4.41 -8.37 14.02
N TYR B 145 3.91 -8.98 12.94
CA TYR B 145 4.31 -10.36 12.62
C TYR B 145 5.82 -10.52 12.42
N CYS B 146 6.53 -9.43 12.14
CA CYS B 146 7.98 -9.54 11.96
C CYS B 146 8.81 -9.05 13.14
N ARG B 147 8.18 -8.49 14.17
CA ARG B 147 8.95 -8.01 15.32
C ARG B 147 9.76 -9.15 15.92
N GLY B 148 11.06 -8.90 16.12
CA GLY B 148 11.95 -9.88 16.74
C GLY B 148 12.37 -11.04 15.86
N ARG B 149 11.91 -11.04 14.60
CA ARG B 149 12.16 -12.17 13.70
C ARG B 149 13.40 -11.96 12.82
N VAL B 150 13.92 -13.05 12.29
CA VAL B 150 15.18 -12.99 11.54
C VAL B 150 14.96 -13.28 10.07
N GLY B 151 15.60 -12.49 9.22
CA GLY B 151 15.50 -12.69 7.79
C GLY B 151 16.79 -12.26 7.09
N THR B 152 16.77 -12.33 5.77
CA THR B 152 17.93 -12.03 4.94
C THR B 152 17.63 -10.84 4.01
N ILE B 153 18.60 -9.94 3.89
CA ILE B 153 18.50 -8.76 3.02
C ILE B 153 18.56 -9.14 1.53
N SER B 154 17.51 -8.79 0.79
CA SER B 154 17.49 -9.02 -0.66
C SER B 154 17.73 -7.73 -1.47
N HIS B 155 17.60 -6.57 -0.81
CA HIS B 155 17.71 -5.26 -1.45
C HIS B 155 17.95 -4.17 -0.40
N ARG B 156 18.88 -3.25 -0.68
CA ARG B 156 18.98 -2.00 0.03
C ARG B 156 18.61 -0.88 -0.94
N THR B 157 17.65 -0.04 -0.57
CA THR B 157 17.20 1.00 -1.48
C THR B 157 18.33 1.98 -1.80
N THR B 158 18.30 2.52 -3.02
CA THR B 158 19.28 3.51 -3.47
C THR B 158 18.81 4.94 -3.18
N GLU B 159 17.66 5.04 -2.53
CA GLU B 159 17.11 6.31 -2.06
C GLU B 159 16.88 6.20 -0.56
N LYS B 160 16.73 7.35 0.09
CA LYS B 160 16.49 7.41 1.52
C LYS B 160 15.27 8.26 1.79
N TRP B 161 14.56 7.95 2.87
CA TRP B 161 13.33 8.68 3.20
C TRP B 161 13.26 8.99 4.70
N PRO B 162 12.43 9.98 5.07
CA PRO B 162 12.26 10.28 6.51
C PRO B 162 11.69 9.07 7.29
N PHE B 163 12.20 8.88 8.51
CA PHE B 163 11.74 7.82 9.41
C PHE B 163 10.27 8.02 9.76
N PRO B 164 9.42 7.01 9.43
CA PRO B 164 7.98 7.20 9.62
C PRO B 164 7.57 7.51 11.05
N ASP B 165 8.29 6.97 12.03
CA ASP B 165 7.93 7.13 13.43
C ASP B 165 8.05 8.57 13.90
N ALA B 166 8.80 9.35 13.12
CA ALA B 166 8.98 10.77 13.37
C ALA B 166 8.08 11.63 12.46
N ILE B 167 8.19 11.43 11.15
N ILE B 167 8.21 11.46 11.15
CA ILE B 167 7.45 12.26 10.19
CA ILE B 167 7.43 12.29 10.21
C ILE B 167 5.94 11.98 10.21
C ILE B 167 5.92 12.03 10.36
N GLY B 168 5.55 10.80 10.71
CA GLY B 168 4.14 10.45 10.93
C GLY B 168 3.51 11.20 12.08
N HIS B 169 4.34 11.88 12.88
CA HIS B 169 3.86 12.77 13.93
C HIS B 169 4.18 14.24 13.65
N GLY B 170 4.67 14.53 12.45
CA GLY B 170 5.04 15.90 12.07
C GLY B 170 6.28 16.41 12.79
N ARG B 171 7.13 15.51 13.26
CA ARG B 171 8.33 15.91 14.00
C ARG B 171 9.40 16.45 13.06
N ASN B 172 10.34 17.20 13.63
CA ASN B 172 11.44 17.80 12.87
C ASN B 172 12.68 16.92 12.78
N ASP B 173 12.64 15.75 13.41
CA ASP B 173 13.82 14.92 13.56
C ASP B 173 13.74 13.55 12.88
N ALA B 174 13.05 13.52 11.74
CA ALA B 174 12.88 12.28 10.98
C ALA B 174 14.11 11.84 10.17
N GLY B 175 15.05 12.76 9.96
CA GLY B 175 16.27 12.46 9.21
C GLY B 175 15.99 11.79 7.88
N GLU B 176 16.82 10.81 7.56
CA GLU B 176 16.63 9.98 6.36
C GLU B 176 17.34 8.66 6.48
N GLU B 177 16.68 7.61 6.02
CA GLU B 177 17.22 6.27 6.06
C GLU B 177 16.83 5.55 4.78
N PRO B 178 17.67 4.61 4.33
CA PRO B 178 17.19 3.70 3.29
C PRO B 178 16.32 2.62 3.94
N THR B 179 15.65 1.86 3.11
CA THR B 179 14.90 0.71 3.60
C THR B 179 15.49 -0.55 2.99
N TYR B 180 15.11 -1.68 3.56
CA TYR B 180 15.66 -2.97 3.17
C TYR B 180 14.55 -3.96 2.91
N HIS B 181 14.62 -4.66 1.78
CA HIS B 181 13.73 -5.78 1.56
C HIS B 181 14.28 -6.95 2.34
N VAL B 182 13.56 -7.34 3.39
CA VAL B 182 13.99 -8.42 4.27
C VAL B 182 13.11 -9.63 4.00
N LYS B 183 13.75 -10.72 3.56
CA LYS B 183 13.04 -11.94 3.27
C LYS B 183 13.00 -12.86 4.49
N PHE B 184 11.80 -13.21 4.91
CA PHE B 184 11.58 -14.14 6.03
C PHE B 184 10.99 -15.43 5.51
N ALA B 185 11.45 -16.55 6.04
CA ALA B 185 10.78 -17.82 5.77
C ALA B 185 9.40 -17.79 6.41
N ALA B 186 8.41 -18.36 5.73
CA ALA B 186 7.03 -18.38 6.26
C ALA B 186 7.01 -18.97 7.67
N GLU B 187 7.78 -20.03 7.89
CA GLU B 187 7.83 -20.70 9.19
C GLU B 187 8.46 -19.84 10.29
N GLU B 188 9.30 -18.88 9.91
CA GLU B 188 9.88 -17.96 10.89
C GLU B 188 8.78 -17.06 11.46
N LEU B 189 7.78 -16.75 10.64
CA LEU B 189 6.72 -15.82 11.01
C LEU B 189 5.50 -16.47 11.63
N PHE B 190 5.13 -17.66 11.13
CA PHE B 190 3.89 -18.32 11.53
C PHE B 190 4.06 -19.79 11.90
N GLY B 191 5.30 -20.21 12.15
CA GLY B 191 5.57 -21.60 12.54
C GLY B 191 5.01 -22.59 11.53
N SER B 192 4.30 -23.60 12.04
CA SER B 192 3.65 -24.59 11.19
C SER B 192 2.35 -24.09 10.55
N ASP B 193 1.86 -22.93 10.99
CA ASP B 193 0.52 -22.45 10.65
C ASP B 193 0.49 -21.43 9.50
N THR B 194 0.97 -21.88 8.36
CA THR B 194 1.10 -21.08 7.14
C THR B 194 1.21 -22.04 5.97
N ASP B 195 0.76 -21.62 4.79
CA ASP B 195 0.92 -22.44 3.58
C ASP B 195 1.86 -21.79 2.57
N GLY B 196 2.54 -20.74 3.01
CA GLY B 196 3.36 -19.92 2.12
C GLY B 196 4.81 -20.38 2.05
N GLY B 197 5.64 -19.56 1.41
CA GLY B 197 7.04 -19.89 1.23
C GLY B 197 7.88 -18.86 1.96
N SER B 198 7.81 -17.63 1.47
CA SER B 198 8.52 -16.54 2.12
C SER B 198 7.69 -15.27 2.08
N VAL B 199 8.04 -14.34 2.95
CA VAL B 199 7.43 -13.02 2.98
C VAL B 199 8.55 -12.00 2.99
N VAL B 200 8.46 -11.02 2.10
CA VAL B 200 9.43 -9.94 2.05
C VAL B 200 8.80 -8.66 2.58
N VAL B 201 9.38 -8.11 3.64
CA VAL B 201 8.91 -6.89 4.29
C VAL B 201 9.92 -5.77 3.99
N ASP B 202 9.42 -4.58 3.66
CA ASP B 202 10.27 -3.44 3.30
C ASP B 202 10.48 -2.59 4.55
N LEU B 203 11.64 -2.77 5.19
CA LEU B 203 11.87 -2.24 6.53
C LEU B 203 12.93 -1.16 6.59
N PHE B 204 12.58 -0.04 7.21
CA PHE B 204 13.55 1.02 7.49
C PHE B 204 14.74 0.51 8.27
N GLU B 205 15.90 1.08 7.95
CA GLU B 205 17.16 0.71 8.59
C GLU B 205 17.03 0.73 10.13
N GLY B 206 16.35 1.74 10.64
CA GLY B 206 16.16 1.92 12.09
C GLY B 206 15.33 0.85 12.78
N TYR B 207 14.70 -0.02 12.00
CA TYR B 207 13.94 -1.15 12.58
C TYR B 207 14.79 -2.42 12.69
N LEU B 208 16.03 -2.36 12.21
CA LEU B 208 16.85 -3.56 12.06
C LEU B 208 18.12 -3.55 12.91
N GLU B 209 18.61 -4.76 13.17
CA GLU B 209 19.89 -4.95 13.87
C GLU B 209 20.57 -6.20 13.29
N PRO B 210 21.90 -6.31 13.42
CA PRO B 210 22.52 -7.57 12.98
C PRO B 210 21.95 -8.77 13.73
N ALA B 211 21.81 -9.90 13.03
CA ALA B 211 21.29 -11.12 13.65
C ALA B 211 22.39 -11.78 14.47
FE FE C . -1.10 0.90 2.03
N NO D . -1.75 2.69 1.57
O NO D . -1.22 3.48 0.49
MG MG E . 9.81 -17.40 -25.42
MG MG F . 8.55 13.17 -2.21
MG MG G . 1.80 -11.98 -35.50
MG MG H . -4.85 -21.02 7.95
C TB0 I . -3.82 9.12 1.51
N TB0 I . -3.16 8.18 1.39
C2 TB0 I . -2.38 6.99 1.17
C4 TB0 I . -3.35 5.91 0.72
C3 TB0 I . -1.68 6.60 2.47
C1 TB0 I . -1.33 7.29 0.09
MG MG J . -1.38 -6.61 16.79
MG MG K . -21.33 2.95 7.09
#